data_4R8M
#
_entry.id   4R8M
#
_cell.length_a   36.936
_cell.length_b   116.799
_cell.length_c   70.905
_cell.angle_alpha   90.00
_cell.angle_beta   91.77
_cell.angle_gamma   90.00
#
_symmetry.space_group_name_H-M   'P 1 21 1'
#
loop_
_entity.id
_entity.type
_entity.pdbx_description
1 polymer 'NAD-dependent protein deacetylase sirtuin-2'
2 polymer 'BHJH-TM1 peptide'
3 non-polymer 'ZINC ION'
4 non-polymer tridecanethial
5 water water
#
loop_
_entity_poly.entity_id
_entity_poly.type
_entity_poly.pdbx_seq_one_letter_code
_entity_poly.pdbx_strand_id
1 'polypeptide(L)'
;MDFLRNLFSQTLSLGSQKERLLDELTLEGVARYMQSERCRRVICLVGAGISTSAGIPDFRSPSTGLYDNLEKYHLPYPEA
IFEISYFKKHPEPFFALAKELYPGQFKPTICHYFMRLLKDKGLLLRCYTQNIDTLERIAGLEQEDLVEAHGTFYTSHCVS
ASCRHEYPLSWMKEKIFSEVTPKCEDCQSLVKPDIVFFGESLPARFFSCMQSDFLKVDLLLVMGTSLQVQPFASLISKAP
LSTPRLLINKEKAGQSDPFLGMIMGLGGGMDFDSKKAYRDVAWLGECDQGCLALAELLGWKKELEDLVRREHASIDAQS
;
A,B
2 'polypeptide(L)' PKKTG C,D
#
# COMPACT_ATOMS: atom_id res chain seq x y z
N LYS A 18 17.67 -13.34 -20.40
CA LYS A 18 16.55 -13.79 -19.51
C LYS A 18 17.01 -13.97 -18.07
N GLU A 19 17.03 -12.88 -17.30
CA GLU A 19 17.26 -13.01 -15.86
C GLU A 19 15.99 -13.57 -15.20
N ARG A 20 16.19 -14.36 -14.16
CA ARG A 20 15.12 -15.08 -13.48
C ARG A 20 14.76 -14.31 -12.21
N LEU A 21 13.56 -13.72 -12.16
CA LEU A 21 13.20 -12.84 -11.03
C LEU A 21 12.24 -13.45 -10.01
N LEU A 22 11.43 -14.40 -10.44
CA LEU A 22 10.60 -15.13 -9.49
C LEU A 22 11.40 -16.32 -8.98
N ASP A 23 11.41 -16.52 -7.67
CA ASP A 23 12.07 -17.70 -7.10
C ASP A 23 11.30 -19.00 -7.46
N GLU A 24 9.97 -18.90 -7.54
CA GLU A 24 9.12 -20.01 -7.98
C GLU A 24 7.89 -19.49 -8.73
N LEU A 25 7.38 -20.30 -9.65
CA LEU A 25 6.26 -19.90 -10.53
C LEU A 25 4.91 -20.28 -9.92
N THR A 26 4.56 -19.54 -8.87
CA THR A 26 3.33 -19.75 -8.13
C THR A 26 2.86 -18.37 -7.70
N LEU A 27 1.64 -18.28 -7.20
CA LEU A 27 1.11 -17.05 -6.65
C LEU A 27 1.94 -16.53 -5.47
N GLU A 28 2.41 -17.47 -4.64
CA GLU A 28 3.22 -17.12 -3.48
C GLU A 28 4.55 -16.51 -3.94
N GLY A 29 5.15 -17.08 -4.97
CA GLY A 29 6.36 -16.52 -5.58
C GLY A 29 6.15 -15.10 -6.07
N VAL A 30 5.01 -14.87 -6.74
CA VAL A 30 4.66 -13.54 -7.23
C VAL A 30 4.47 -12.59 -6.05
N ALA A 31 3.83 -13.09 -5.02
CA ALA A 31 3.59 -12.31 -3.81
C ALA A 31 4.90 -11.88 -3.14
N ARG A 32 5.89 -12.78 -3.09
CA ARG A 32 7.18 -12.46 -2.48
C ARG A 32 7.96 -11.47 -3.33
N TYR A 33 7.97 -11.67 -4.64
CA TYR A 33 8.56 -10.70 -5.55
C TYR A 33 7.92 -9.31 -5.37
N MET A 34 6.59 -9.23 -5.33
CA MET A 34 5.88 -7.96 -5.07
C MET A 34 6.28 -7.26 -3.79
N GLN A 35 6.56 -8.01 -2.73
CA GLN A 35 7.00 -7.43 -1.46
C GLN A 35 8.49 -7.11 -1.45
N SER A 36 9.22 -7.53 -2.49
CA SER A 36 10.64 -7.27 -2.59
C SER A 36 10.90 -5.88 -3.16
N GLU A 37 12.10 -5.37 -2.89
CA GLU A 37 12.55 -4.07 -3.41
C GLU A 37 12.60 -4.02 -4.94
N ARG A 38 12.81 -5.17 -5.58
CA ARG A 38 12.87 -5.26 -7.03
C ARG A 38 11.55 -4.91 -7.75
N CYS A 39 10.42 -5.11 -7.08
CA CYS A 39 9.11 -4.82 -7.67
C CYS A 39 8.57 -3.47 -7.22
N ARG A 40 8.78 -2.45 -8.06
CA ARG A 40 8.32 -1.10 -7.75
C ARG A 40 7.15 -0.66 -8.65
N ARG A 41 7.07 -1.22 -9.85
CA ARG A 41 6.19 -0.75 -10.93
C ARG A 41 5.37 -1.91 -11.50
N VAL A 42 4.06 -1.90 -11.24
CA VAL A 42 3.15 -2.93 -11.70
C VAL A 42 2.20 -2.33 -12.75
N ILE A 43 2.06 -3.04 -13.86
CA ILE A 43 1.06 -2.73 -14.84
C ILE A 43 -0.02 -3.81 -14.82
N CYS A 44 -1.28 -3.35 -14.82
CA CYS A 44 -2.44 -4.23 -14.89
C CYS A 44 -3.08 -4.13 -16.24
N LEU A 45 -3.26 -5.27 -16.88
CA LEU A 45 -4.05 -5.37 -18.09
C LEU A 45 -5.33 -6.08 -17.70
N VAL A 46 -6.47 -5.41 -17.88
CA VAL A 46 -7.75 -6.00 -17.44
C VAL A 46 -8.79 -6.03 -18.56
N GLY A 47 -9.63 -7.07 -18.50
CA GLY A 47 -10.74 -7.24 -19.43
C GLY A 47 -12.05 -7.59 -18.76
N ALA A 48 -12.91 -8.30 -19.50
CA ALA A 48 -14.33 -8.43 -19.11
C ALA A 48 -14.54 -9.29 -17.85
N GLY A 49 -13.59 -10.17 -17.57
CA GLY A 49 -13.64 -11.05 -16.40
C GLY A 49 -13.68 -10.36 -15.04
N ILE A 50 -13.12 -9.15 -14.92
CA ILE A 50 -13.15 -8.44 -13.63
C ILE A 50 -14.46 -7.71 -13.38
N SER A 51 -15.34 -7.66 -14.37
CA SER A 51 -16.60 -6.93 -14.19
C SER A 51 -17.85 -7.85 -14.28
N THR A 52 -17.65 -9.14 -14.52
N THR A 52 -17.65 -9.14 -14.54
CA THR A 52 -18.75 -10.10 -14.60
CA THR A 52 -18.75 -10.10 -14.59
C THR A 52 -19.44 -10.33 -13.25
C THR A 52 -19.46 -10.27 -13.25
N SER A 53 -18.73 -10.20 -12.14
CA SER A 53 -19.36 -10.28 -10.81
C SER A 53 -20.13 -8.99 -10.46
N ALA A 54 -19.87 -7.89 -11.16
CA ALA A 54 -20.75 -6.74 -11.10
C ALA A 54 -22.07 -7.04 -11.83
N GLY A 55 -22.05 -7.99 -12.76
CA GLY A 55 -23.23 -8.34 -13.56
C GLY A 55 -23.09 -8.02 -15.05
N ILE A 56 -22.02 -7.33 -15.43
CA ILE A 56 -21.77 -7.01 -16.83
C ILE A 56 -21.27 -8.28 -17.53
N PRO A 57 -22.10 -8.90 -18.40
CA PRO A 57 -21.63 -10.16 -18.97
C PRO A 57 -20.48 -9.99 -19.96
N ASP A 58 -19.67 -11.04 -20.07
CA ASP A 58 -18.52 -11.08 -20.97
C ASP A 58 -19.01 -11.39 -22.37
N PHE A 59 -19.00 -10.41 -23.27
CA PHE A 59 -19.63 -10.58 -24.58
C PHE A 59 -18.79 -11.29 -25.64
N ARG A 60 -17.67 -11.84 -25.24
CA ARG A 60 -16.90 -12.69 -26.11
C ARG A 60 -16.76 -14.09 -25.55
N SER A 61 -17.18 -14.32 -24.31
CA SER A 61 -17.18 -15.65 -23.71
C SER A 61 -18.08 -16.58 -24.52
N PRO A 62 -17.66 -17.85 -24.73
CA PRO A 62 -18.42 -18.84 -25.52
C PRO A 62 -19.87 -19.08 -25.07
N SER A 63 -20.11 -19.11 -23.76
CA SER A 63 -21.44 -19.43 -23.21
C SER A 63 -22.23 -18.21 -22.75
N THR A 64 -21.85 -17.02 -23.22
CA THR A 64 -22.40 -15.76 -22.70
C THR A 64 -23.91 -15.66 -22.86
N GLY A 65 -24.53 -14.94 -21.92
CA GLY A 65 -25.97 -14.93 -21.79
C GLY A 65 -26.58 -13.55 -21.83
N LEU A 66 -26.15 -12.69 -22.77
CA LEU A 66 -26.91 -11.46 -23.02
C LEU A 66 -26.87 -10.89 -24.44
N TYR A 67 -27.16 -11.74 -25.42
CA TYR A 67 -27.73 -11.29 -26.69
C TYR A 67 -29.17 -11.79 -26.81
N ASP A 68 -29.73 -12.31 -25.71
CA ASP A 68 -30.98 -13.07 -25.75
C ASP A 68 -32.13 -12.31 -26.42
N ASN A 69 -32.36 -11.10 -25.95
CA ASN A 69 -33.40 -10.21 -26.47
C ASN A 69 -33.26 -9.84 -27.96
N LEU A 70 -32.02 -9.79 -28.44
CA LEU A 70 -31.71 -9.16 -29.72
C LEU A 70 -32.07 -10.02 -30.94
N GLU A 71 -32.78 -11.13 -30.71
CA GLU A 71 -33.19 -12.00 -31.81
C GLU A 71 -34.03 -11.26 -32.86
N LYS A 72 -34.85 -10.31 -32.43
CA LYS A 72 -35.69 -9.57 -33.38
C LYS A 72 -34.90 -8.79 -34.45
N TYR A 73 -33.67 -8.39 -34.15
CA TYR A 73 -32.88 -7.57 -35.08
C TYR A 73 -32.20 -8.39 -36.16
N HIS A 74 -32.26 -9.70 -36.05
CA HIS A 74 -31.72 -10.61 -37.06
C HIS A 74 -30.28 -10.27 -37.45
N LEU A 75 -29.41 -10.34 -36.45
CA LEU A 75 -28.02 -9.97 -36.62
C LEU A 75 -27.34 -10.97 -37.56
N PRO A 76 -26.45 -10.48 -38.44
CA PRO A 76 -25.69 -11.43 -39.27
C PRO A 76 -24.91 -12.41 -38.39
N TYR A 77 -24.42 -11.90 -37.26
CA TYR A 77 -23.85 -12.69 -36.18
C TYR A 77 -23.80 -11.77 -34.97
N PRO A 78 -23.71 -12.34 -33.75
CA PRO A 78 -23.76 -11.52 -32.52
C PRO A 78 -22.75 -10.34 -32.50
N GLU A 79 -21.49 -10.62 -32.82
CA GLU A 79 -20.40 -9.63 -32.78
C GLU A 79 -20.60 -8.37 -33.67
N ALA A 80 -21.39 -8.51 -34.74
CA ALA A 80 -21.71 -7.40 -35.64
C ALA A 80 -22.20 -6.16 -34.91
N ILE A 81 -22.99 -6.37 -33.87
CA ILE A 81 -23.48 -5.30 -33.01
C ILE A 81 -22.36 -4.30 -32.59
N PHE A 82 -21.15 -4.81 -32.34
CA PHE A 82 -20.00 -3.99 -31.97
C PHE A 82 -19.03 -3.65 -33.14
N GLU A 83 -19.42 -3.91 -34.37
CA GLU A 83 -18.61 -3.54 -35.54
C GLU A 83 -19.03 -2.13 -35.97
N ILE A 84 -18.05 -1.27 -36.27
CA ILE A 84 -18.35 0.12 -36.56
C ILE A 84 -19.17 0.27 -37.84
N SER A 85 -18.88 -0.55 -38.85
CA SER A 85 -19.58 -0.46 -40.13
C SER A 85 -21.03 -0.86 -39.97
N TYR A 86 -21.26 -1.96 -39.25
CA TYR A 86 -22.63 -2.42 -39.01
C TYR A 86 -23.38 -1.43 -38.13
N PHE A 87 -22.76 -1.01 -37.04
CA PHE A 87 -23.36 -0.03 -36.13
C PHE A 87 -23.87 1.24 -36.83
N LYS A 88 -23.05 1.81 -37.70
CA LYS A 88 -23.41 3.08 -38.34
C LYS A 88 -24.65 2.97 -39.21
N LYS A 89 -24.91 1.78 -39.75
CA LYS A 89 -26.08 1.56 -40.60
C LYS A 89 -27.22 0.95 -39.81
N HIS A 90 -26.92 0.30 -38.69
CA HIS A 90 -27.95 -0.32 -37.86
C HIS A 90 -27.61 -0.18 -36.40
N PRO A 91 -27.80 1.02 -35.85
CA PRO A 91 -27.46 1.32 -34.44
C PRO A 91 -28.39 0.72 -33.39
N GLU A 92 -29.59 0.34 -33.80
CA GLU A 92 -30.67 -0.02 -32.87
C GLU A 92 -30.31 -1.22 -31.99
N PRO A 93 -29.76 -2.30 -32.58
CA PRO A 93 -29.40 -3.46 -31.77
C PRO A 93 -28.47 -3.09 -30.60
N PHE A 94 -27.49 -2.21 -30.87
CA PHE A 94 -26.54 -1.78 -29.85
C PHE A 94 -27.17 -0.99 -28.71
N PHE A 95 -28.08 -0.08 -29.05
CA PHE A 95 -28.77 0.70 -28.04
C PHE A 95 -29.82 -0.08 -27.24
N ALA A 96 -30.43 -1.09 -27.84
CA ALA A 96 -31.34 -2.00 -27.10
C ALA A 96 -30.54 -2.83 -26.08
N LEU A 97 -29.37 -3.28 -26.49
CA LEU A 97 -28.43 -3.91 -25.57
C LEU A 97 -28.06 -2.96 -24.44
N ALA A 98 -27.81 -1.71 -24.78
CA ALA A 98 -27.36 -0.72 -23.80
C ALA A 98 -28.43 -0.36 -22.75
N LYS A 99 -29.70 -0.52 -23.12
CA LYS A 99 -30.80 -0.24 -22.19
C LYS A 99 -30.93 -1.36 -21.17
N GLU A 100 -30.68 -2.60 -21.59
CA GLU A 100 -30.62 -3.73 -20.66
C GLU A 100 -29.52 -3.55 -19.61
N LEU A 101 -28.45 -2.87 -19.99
CA LEU A 101 -27.31 -2.63 -19.13
C LEU A 101 -27.21 -1.13 -18.82
N GLY A 104 -22.72 2.32 -13.58
CA GLY A 104 -24.08 2.87 -13.74
C GLY A 104 -25.00 2.31 -12.66
N GLN A 105 -25.51 1.11 -12.89
CA GLN A 105 -26.14 0.32 -11.82
C GLN A 105 -25.12 -0.66 -11.22
N PHE A 106 -23.91 -0.65 -11.78
CA PHE A 106 -22.86 -1.58 -11.43
C PHE A 106 -21.87 -0.87 -10.52
N LYS A 107 -21.54 -1.52 -9.41
CA LYS A 107 -20.50 -1.05 -8.52
C LYS A 107 -19.23 -1.75 -8.90
N PRO A 108 -18.08 -1.13 -8.67
CA PRO A 108 -16.87 -1.87 -8.98
C PRO A 108 -16.73 -3.13 -8.10
N THR A 109 -16.00 -4.10 -8.59
CA THR A 109 -15.82 -5.38 -7.92
C THR A 109 -14.54 -5.36 -7.09
N ILE A 110 -14.26 -6.50 -6.46
CA ILE A 110 -13.07 -6.69 -5.65
C ILE A 110 -11.81 -6.46 -6.50
N CYS A 111 -11.80 -6.96 -7.73
CA CYS A 111 -10.70 -6.73 -8.66
C CYS A 111 -10.37 -5.25 -8.86
N HIS A 112 -11.40 -4.45 -9.02
CA HIS A 112 -11.24 -3.01 -9.19
C HIS A 112 -10.61 -2.35 -7.98
N TYR A 113 -11.08 -2.73 -6.81
CA TYR A 113 -10.56 -2.17 -5.57
C TYR A 113 -9.17 -2.73 -5.25
N PHE A 114 -8.83 -3.90 -5.76
CA PHE A 114 -7.46 -4.42 -5.59
C PHE A 114 -6.46 -3.49 -6.35
N MET A 115 -6.85 -3.04 -7.54
CA MET A 115 -6.05 -2.11 -8.34
C MET A 115 -5.93 -0.79 -7.62
N ARG A 116 -7.03 -0.33 -7.04
CA ARG A 116 -7.03 0.86 -6.21
C ARG A 116 -6.07 0.69 -5.05
N LEU A 117 -6.01 -0.51 -4.50
CA LEU A 117 -5.12 -0.84 -3.45
C LEU A 117 -3.67 -0.78 -3.89
N LEU A 118 -3.36 -1.31 -5.05
CA LEU A 118 -2.02 -1.22 -5.64
C LEU A 118 -1.57 0.22 -5.83
N LYS A 119 -2.50 1.08 -6.21
CA LYS A 119 -2.22 2.52 -6.34
C LYS A 119 -1.92 3.19 -4.98
N ASP A 120 -2.79 2.96 -4.01
CA ASP A 120 -2.61 3.51 -2.67
C ASP A 120 -1.30 3.00 -1.98
N LYS A 121 -0.83 1.81 -2.36
CA LYS A 121 0.43 1.28 -1.85
C LYS A 121 1.64 1.68 -2.71
N GLY A 122 1.41 2.44 -3.78
CA GLY A 122 2.49 2.98 -4.60
C GLY A 122 3.11 2.00 -5.59
N LEU A 123 2.42 0.90 -5.87
CA LEU A 123 2.91 -0.11 -6.79
C LEU A 123 2.40 0.11 -8.22
N LEU A 124 1.21 0.71 -8.36
CA LEU A 124 0.57 0.83 -9.66
C LEU A 124 1.21 1.88 -10.56
N LEU A 125 1.83 1.43 -11.63
CA LEU A 125 2.27 2.32 -12.69
C LEU A 125 1.09 2.71 -13.57
N ARG A 126 0.32 1.72 -14.00
CA ARG A 126 -0.82 1.98 -14.86
C ARG A 126 -1.77 0.80 -14.93
N CYS A 127 -3.04 1.10 -15.10
CA CYS A 127 -4.04 0.11 -15.48
C CYS A 127 -4.52 0.31 -16.93
N TYR A 128 -4.29 -0.69 -17.77
CA TYR A 128 -4.84 -0.71 -19.11
C TYR A 128 -6.06 -1.57 -19.10
N THR A 129 -7.17 -0.96 -19.52
CA THR A 129 -8.43 -1.65 -19.51
C THR A 129 -9.02 -1.76 -20.91
N GLN A 130 -9.58 -2.93 -21.17
CA GLN A 130 -10.38 -3.20 -22.36
C GLN A 130 -11.84 -2.85 -22.15
N ASN A 131 -12.24 -2.59 -20.92
CA ASN A 131 -13.66 -2.47 -20.59
C ASN A 131 -14.10 -1.04 -20.78
N ILE A 132 -15.39 -0.86 -21.04
CA ILE A 132 -15.93 0.48 -21.32
C ILE A 132 -16.87 0.97 -20.22
N ASP A 133 -16.91 0.21 -19.13
CA ASP A 133 -17.90 0.40 -18.07
C ASP A 133 -17.54 1.52 -17.10
N THR A 134 -16.29 1.98 -17.12
CA THR A 134 -15.85 3.11 -16.27
C THR A 134 -15.72 2.73 -14.77
N LEU A 135 -15.74 1.44 -14.46
CA LEU A 135 -15.70 0.99 -13.07
C LEU A 135 -14.37 1.29 -12.37
N GLU A 136 -13.26 1.30 -13.14
CA GLU A 136 -11.94 1.66 -12.60
C GLU A 136 -11.96 3.08 -12.04
N ARG A 137 -12.57 4.02 -12.75
CA ARG A 137 -12.63 5.41 -12.26
C ARG A 137 -13.51 5.52 -11.04
N ILE A 138 -14.65 4.83 -11.07
CA ILE A 138 -15.54 4.78 -9.90
C ILE A 138 -14.81 4.19 -8.69
N ALA A 139 -14.05 3.11 -8.88
CA ALA A 139 -13.25 2.54 -7.79
C ALA A 139 -12.21 3.51 -7.23
N GLY A 140 -11.91 4.56 -8.00
CA GLY A 140 -11.06 5.65 -7.53
C GLY A 140 -9.71 5.74 -8.22
N LEU A 141 -9.49 4.99 -9.29
CA LEU A 141 -8.29 5.20 -10.09
C LEU A 141 -8.44 6.55 -10.79
N GLU A 142 -7.40 7.38 -10.73
CA GLU A 142 -7.46 8.69 -11.41
C GLU A 142 -7.15 8.51 -12.89
N GLN A 143 -7.43 9.55 -13.66
CA GLN A 143 -7.26 9.49 -15.10
C GLN A 143 -5.80 9.29 -15.51
N GLU A 144 -4.88 9.88 -14.76
CA GLU A 144 -3.44 9.63 -14.96
C GLU A 144 -3.10 8.15 -14.94
N ASP A 145 -3.72 7.38 -14.04
CA ASP A 145 -3.37 5.96 -13.81
C ASP A 145 -4.00 4.98 -14.81
N LEU A 146 -4.86 5.48 -15.67
CA LEU A 146 -5.68 4.63 -16.52
C LEU A 146 -5.44 4.87 -17.99
N VAL A 147 -5.38 3.79 -18.73
CA VAL A 147 -5.49 3.84 -20.19
C VAL A 147 -6.72 3.03 -20.55
N GLU A 148 -7.78 3.75 -20.91
CA GLU A 148 -9.03 3.17 -21.33
C GLU A 148 -8.88 2.90 -22.79
N ALA A 149 -8.37 1.72 -23.11
CA ALA A 149 -7.96 1.40 -24.46
C ALA A 149 -9.12 1.44 -25.45
N HIS A 150 -10.31 1.06 -25.00
CA HIS A 150 -11.48 1.04 -25.87
C HIS A 150 -12.47 2.14 -25.56
N GLY A 151 -12.00 3.19 -24.88
CA GLY A 151 -12.81 4.35 -24.58
C GLY A 151 -13.83 4.12 -23.50
N THR A 152 -14.88 4.95 -23.52
CA THR A 152 -15.84 5.01 -22.43
C THR A 152 -17.27 5.36 -22.89
N PHE A 153 -18.25 4.84 -22.17
CA PHE A 153 -19.64 5.15 -22.33
C PHE A 153 -20.02 6.53 -21.86
N TYR A 154 -19.19 7.08 -21.01
CA TYR A 154 -19.48 8.30 -20.25
C TYR A 154 -19.86 9.50 -21.12
N THR A 155 -19.07 9.71 -22.18
CA THR A 155 -19.33 10.80 -23.12
C THR A 155 -19.69 10.26 -24.50
N SER A 156 -20.46 11.05 -25.25
CA SER A 156 -21.00 10.69 -26.54
C SER A 156 -20.80 11.80 -27.59
N HIS A 157 -20.65 11.42 -28.86
CA HIS A 157 -20.43 12.40 -29.94
C HIS A 157 -21.22 12.12 -31.21
N CYS A 158 -21.76 13.19 -31.80
CA CYS A 158 -22.19 13.19 -33.19
C CYS A 158 -21.07 12.65 -34.10
N VAL A 159 -21.40 11.71 -35.00
CA VAL A 159 -20.38 11.04 -35.82
C VAL A 159 -19.83 11.85 -37.01
N SER A 160 -20.47 12.97 -37.36
CA SER A 160 -20.03 13.75 -38.53
C SER A 160 -18.86 14.68 -38.18
N ALA A 161 -17.81 14.56 -38.97
CA ALA A 161 -16.56 15.30 -38.77
C ALA A 161 -16.74 16.80 -38.57
N SER A 162 -17.69 17.40 -39.29
CA SER A 162 -17.84 18.85 -39.28
C SER A 162 -18.89 19.34 -38.28
N CYS A 163 -19.28 18.49 -37.33
CA CYS A 163 -20.18 18.90 -36.23
C CYS A 163 -19.59 18.54 -34.87
N ARG A 164 -19.31 17.25 -34.67
CA ARG A 164 -18.72 16.72 -33.44
C ARG A 164 -19.37 17.23 -32.12
N HIS A 165 -20.67 17.48 -32.13
CA HIS A 165 -21.38 17.92 -30.92
C HIS A 165 -21.29 16.87 -29.80
N GLU A 166 -20.93 17.34 -28.60
CA GLU A 166 -20.77 16.47 -27.43
C GLU A 166 -22.09 16.39 -26.67
N TYR A 167 -22.46 15.18 -26.24
CA TYR A 167 -23.64 14.97 -25.39
C TYR A 167 -23.26 14.14 -24.14
N PRO A 168 -23.80 14.51 -22.96
CA PRO A 168 -23.49 13.80 -21.72
C PRO A 168 -24.30 12.54 -21.54
N LEU A 169 -23.85 11.71 -20.61
CA LEU A 169 -24.51 10.44 -20.28
C LEU A 169 -25.99 10.65 -20.00
N SER A 170 -26.28 11.69 -19.24
CA SER A 170 -27.64 12.10 -18.92
C SER A 170 -28.50 12.13 -20.19
N TRP A 171 -27.99 12.79 -21.23
CA TRP A 171 -28.70 12.91 -22.49
C TRP A 171 -28.87 11.55 -23.16
N MET A 172 -27.79 10.80 -23.23
CA MET A 172 -27.84 9.54 -23.89
C MET A 172 -28.80 8.56 -23.23
N LYS A 173 -28.82 8.50 -21.91
CA LYS A 173 -29.67 7.56 -21.17
C LYS A 173 -31.16 7.83 -21.42
N GLU A 174 -31.53 9.10 -21.43
CA GLU A 174 -32.90 9.50 -21.79
C GLU A 174 -33.30 8.89 -23.14
N LYS A 175 -32.42 9.00 -24.13
CA LYS A 175 -32.68 8.46 -25.46
C LYS A 175 -32.75 6.93 -25.43
N ILE A 176 -31.78 6.31 -24.77
CA ILE A 176 -31.70 4.85 -24.70
C ILE A 176 -32.92 4.25 -23.98
N PHE A 177 -33.26 4.78 -22.81
CA PHE A 177 -34.39 4.24 -22.04
C PHE A 177 -35.74 4.40 -22.77
N SER A 178 -35.87 5.44 -23.59
CA SER A 178 -37.09 5.64 -24.40
C SER A 178 -37.07 4.89 -25.73
N GLU A 179 -35.98 4.17 -26.00
CA GLU A 179 -35.82 3.42 -27.24
C GLU A 179 -35.93 4.30 -28.49
N VAL A 180 -35.48 5.55 -28.37
CA VAL A 180 -35.29 6.43 -29.52
C VAL A 180 -33.80 6.53 -29.83
N THR A 181 -33.43 6.12 -31.05
CA THR A 181 -32.03 6.11 -31.49
C THR A 181 -31.40 7.49 -31.31
N PRO A 182 -30.28 7.59 -30.57
CA PRO A 182 -29.68 8.91 -30.35
C PRO A 182 -29.26 9.61 -31.64
N LYS A 183 -29.66 10.87 -31.76
CA LYS A 183 -29.47 11.64 -32.98
C LYS A 183 -29.04 13.06 -32.62
N CYS A 184 -28.13 13.61 -33.39
CA CYS A 184 -27.63 14.96 -33.12
C CYS A 184 -28.75 16.00 -33.31
N GLU A 185 -28.96 16.82 -32.28
CA GLU A 185 -30.00 17.83 -32.31
C GLU A 185 -29.75 18.90 -33.37
N ASP A 186 -28.50 19.03 -33.81
CA ASP A 186 -28.11 20.02 -34.81
C ASP A 186 -28.18 19.47 -36.23
N CYS A 187 -27.38 18.44 -36.52
CA CYS A 187 -27.17 17.96 -37.89
C CYS A 187 -27.83 16.62 -38.20
N GLN A 188 -28.57 16.07 -37.23
CA GLN A 188 -29.33 14.84 -37.41
C GLN A 188 -28.49 13.58 -37.58
N SER A 189 -27.17 13.69 -37.54
CA SER A 189 -26.33 12.51 -37.59
C SER A 189 -26.51 11.62 -36.35
N LEU A 190 -26.03 10.38 -36.47
CA LEU A 190 -25.98 9.43 -35.36
C LEU A 190 -25.08 9.99 -34.25
N VAL A 191 -25.50 9.82 -33.00
CA VAL A 191 -24.65 10.14 -31.85
C VAL A 191 -24.12 8.82 -31.33
N LYS A 192 -22.80 8.71 -31.24
CA LYS A 192 -22.08 7.51 -30.83
C LYS A 192 -21.37 7.74 -29.49
N PRO A 193 -21.55 6.83 -28.52
CA PRO A 193 -20.73 6.86 -27.30
C PRO A 193 -19.26 6.76 -27.64
N ASP A 194 -18.41 7.38 -26.85
CA ASP A 194 -16.98 7.46 -27.15
C ASP A 194 -16.24 6.15 -26.89
N ILE A 195 -16.78 5.06 -27.41
CA ILE A 195 -16.10 3.80 -27.28
C ILE A 195 -15.50 3.43 -28.61
N VAL A 196 -14.51 2.57 -28.54
CA VAL A 196 -13.85 2.06 -29.71
C VAL A 196 -14.57 0.79 -30.12
N PHE A 197 -15.32 0.91 -31.23
CA PHE A 197 -15.94 -0.26 -31.87
C PHE A 197 -14.88 -1.03 -32.63
N PHE A 198 -15.13 -2.32 -32.89
CA PHE A 198 -14.27 -3.07 -33.77
C PHE A 198 -14.17 -2.36 -35.13
N GLY A 199 -12.95 -2.26 -35.67
CA GLY A 199 -12.72 -1.50 -36.90
C GLY A 199 -12.39 -0.01 -36.71
N GLU A 200 -12.47 0.51 -35.48
CA GLU A 200 -12.03 1.88 -35.16
C GLU A 200 -10.62 1.87 -34.56
N SER A 201 -10.00 3.05 -34.57
CA SER A 201 -8.67 3.28 -34.02
C SER A 201 -8.72 3.51 -32.51
N LEU A 202 -7.73 2.99 -31.82
CA LEU A 202 -7.54 3.22 -30.41
C LEU A 202 -7.09 4.64 -30.09
N PRO A 203 -7.38 5.14 -28.90
CA PRO A 203 -6.94 6.52 -28.59
C PRO A 203 -5.44 6.65 -28.68
N ALA A 204 -4.96 7.87 -28.95
CA ALA A 204 -3.53 8.17 -29.05
C ALA A 204 -2.83 7.95 -27.71
N ARG A 205 -3.56 8.17 -26.62
CA ARG A 205 -3.09 7.88 -25.26
C ARG A 205 -2.58 6.44 -25.11
N PHE A 206 -3.26 5.50 -25.75
CA PHE A 206 -2.89 4.09 -25.67
C PHE A 206 -1.49 3.90 -26.24
N PHE A 207 -1.24 4.46 -27.42
CA PHE A 207 0.06 4.28 -28.08
C PHE A 207 1.13 5.11 -27.39
N SER A 208 0.73 6.27 -26.88
CA SER A 208 1.67 7.13 -26.17
C SER A 208 2.11 6.49 -24.84
N CYS A 209 1.16 6.03 -24.05
CA CYS A 209 1.50 5.43 -22.77
C CYS A 209 2.26 4.14 -22.88
N MET A 210 1.93 3.30 -23.86
CA MET A 210 2.62 2.03 -23.97
C MET A 210 4.14 2.20 -24.24
N GLN A 211 4.52 3.20 -25.03
CA GLN A 211 5.93 3.49 -25.34
C GLN A 211 6.77 3.79 -24.10
N SER A 212 6.17 4.42 -23.11
CA SER A 212 6.87 4.78 -21.88
C SER A 212 6.75 3.72 -20.79
N ASP A 213 5.52 3.25 -20.59
CA ASP A 213 5.19 2.40 -19.45
C ASP A 213 5.96 1.10 -19.44
N PHE A 214 6.04 0.43 -20.57
CA PHE A 214 6.52 -0.95 -20.60
C PHE A 214 8.04 -1.16 -20.53
N LEU A 215 8.81 -0.10 -20.67
CA LEU A 215 10.25 -0.11 -20.49
C LEU A 215 10.64 -0.40 -19.07
N LYS A 216 9.83 0.14 -18.18
CA LYS A 216 10.13 0.25 -16.75
C LYS A 216 9.29 -0.67 -15.84
N VAL A 217 8.43 -1.50 -16.41
CA VAL A 217 7.53 -2.32 -15.59
C VAL A 217 8.23 -3.50 -14.92
N ASP A 218 7.93 -3.73 -13.64
CA ASP A 218 8.50 -4.85 -12.89
C ASP A 218 7.58 -6.10 -12.81
N LEU A 219 6.29 -5.93 -13.02
CA LEU A 219 5.31 -7.02 -12.97
C LEU A 219 4.11 -6.65 -13.82
N LEU A 220 3.70 -7.55 -14.71
CA LEU A 220 2.44 -7.45 -15.45
C LEU A 220 1.41 -8.33 -14.77
N LEU A 221 0.30 -7.73 -14.36
CA LEU A 221 -0.85 -8.48 -13.83
C LEU A 221 -1.95 -8.49 -14.89
N VAL A 222 -2.25 -9.64 -15.45
CA VAL A 222 -3.26 -9.74 -16.47
C VAL A 222 -4.49 -10.41 -15.86
N MET A 223 -5.59 -9.67 -15.76
CA MET A 223 -6.81 -10.16 -15.08
C MET A 223 -8.06 -10.12 -15.97
N GLY A 224 -8.75 -11.24 -16.06
CA GLY A 224 -10.09 -11.29 -16.66
C GLY A 224 -10.12 -11.03 -18.16
N THR A 225 -9.02 -11.33 -18.84
CA THR A 225 -8.95 -11.15 -20.28
C THR A 225 -8.40 -12.40 -20.93
N SER A 226 -9.07 -12.85 -21.99
CA SER A 226 -8.57 -13.99 -22.77
C SER A 226 -7.59 -13.54 -23.86
N LEU A 227 -7.28 -12.24 -23.87
CA LEU A 227 -6.25 -11.66 -24.74
C LEU A 227 -6.51 -11.99 -26.20
N GLN A 228 -7.73 -11.76 -26.63
CA GLN A 228 -8.13 -12.08 -28.01
C GLN A 228 -8.30 -10.84 -28.89
N VAL A 229 -8.51 -9.69 -28.27
CA VAL A 229 -8.70 -8.44 -28.98
C VAL A 229 -7.36 -7.76 -29.23
N GLN A 230 -7.06 -7.47 -30.49
CA GLN A 230 -5.85 -6.72 -30.86
C GLN A 230 -6.19 -5.27 -31.13
N PRO A 231 -5.23 -4.34 -30.94
CA PRO A 231 -3.85 -4.53 -30.52
C PRO A 231 -3.65 -4.71 -29.00
N PHE A 232 -4.71 -4.56 -28.21
CA PHE A 232 -4.58 -4.66 -26.75
C PHE A 232 -3.79 -5.88 -26.29
N ALA A 233 -4.14 -7.05 -26.82
CA ALA A 233 -3.48 -8.32 -26.52
C ALA A 233 -1.97 -8.33 -26.72
N SER A 234 -1.47 -7.52 -27.65
CA SER A 234 -0.04 -7.49 -27.94
C SER A 234 0.74 -6.77 -26.85
N LEU A 235 0.04 -6.16 -25.89
CA LEU A 235 0.71 -5.53 -24.75
C LEU A 235 1.50 -6.50 -23.85
N ILE A 236 1.17 -7.78 -23.85
CA ILE A 236 1.90 -8.74 -23.03
C ILE A 236 3.34 -8.92 -23.55
N SER A 237 3.52 -8.73 -24.85
CA SER A 237 4.82 -8.84 -25.49
C SER A 237 5.71 -7.63 -25.25
N LYS A 238 5.13 -6.49 -24.87
CA LYS A 238 5.87 -5.24 -24.80
C LYS A 238 6.78 -5.09 -23.56
N ALA A 239 6.56 -5.86 -22.50
CA ALA A 239 7.44 -5.73 -21.34
C ALA A 239 8.77 -6.43 -21.62
N PRO A 240 9.83 -6.07 -20.88
CA PRO A 240 11.08 -6.77 -21.14
C PRO A 240 10.98 -8.25 -20.81
N LEU A 241 11.92 -9.02 -21.32
CA LEU A 241 11.88 -10.47 -21.19
C LEU A 241 11.99 -11.00 -19.77
N SER A 242 12.59 -10.24 -18.88
CA SER A 242 12.69 -10.64 -17.48
C SER A 242 11.40 -10.37 -16.66
N THR A 243 10.49 -9.57 -17.18
CA THR A 243 9.33 -9.11 -16.43
C THR A 243 8.36 -10.25 -16.12
N PRO A 244 8.12 -10.53 -14.84
CA PRO A 244 7.14 -11.56 -14.52
C PRO A 244 5.74 -11.14 -14.95
N ARG A 245 4.94 -12.14 -15.29
CA ARG A 245 3.59 -11.92 -15.80
C ARG A 245 2.66 -12.89 -15.09
N LEU A 246 1.69 -12.36 -14.35
CA LEU A 246 0.67 -13.20 -13.68
C LEU A 246 -0.68 -13.05 -14.40
N LEU A 247 -1.20 -14.18 -14.83
CA LEU A 247 -2.54 -14.27 -15.40
C LEU A 247 -3.53 -14.78 -14.37
N ILE A 248 -4.48 -13.93 -13.96
CA ILE A 248 -5.63 -14.35 -13.17
C ILE A 248 -6.83 -14.36 -14.08
N ASN A 249 -7.33 -15.56 -14.40
CA ASN A 249 -8.39 -15.75 -15.41
C ASN A 249 -9.04 -17.14 -15.26
N LYS A 250 -10.20 -17.33 -15.89
CA LYS A 250 -10.92 -18.61 -15.84
C LYS A 250 -10.13 -19.72 -16.52
N GLU A 251 -9.39 -19.37 -17.56
CA GLU A 251 -8.58 -20.33 -18.29
C GLU A 251 -7.28 -19.68 -18.72
N LYS A 252 -6.34 -20.51 -19.11
CA LYS A 252 -5.09 -20.06 -19.70
C LYS A 252 -5.33 -19.32 -21.02
N ALA A 253 -4.53 -18.28 -21.23
CA ALA A 253 -4.67 -17.42 -22.40
C ALA A 253 -3.31 -16.78 -22.74
N GLY A 254 -3.24 -16.14 -23.88
CA GLY A 254 -2.02 -15.48 -24.31
C GLY A 254 -0.89 -16.41 -24.70
N GLN A 255 -1.22 -17.68 -24.92
CA GLN A 255 -0.27 -18.65 -25.45
C GLN A 255 -0.38 -18.59 -26.97
N GLY A 269 4.89 -14.22 -26.14
CA GLY A 269 4.28 -15.51 -25.86
C GLY A 269 4.27 -15.86 -24.38
N MET A 270 3.16 -16.38 -23.89
CA MET A 270 3.05 -16.72 -22.47
C MET A 270 3.28 -18.19 -22.24
N ASP A 271 4.35 -18.48 -21.54
CA ASP A 271 4.75 -19.86 -21.29
C ASP A 271 4.58 -20.25 -19.83
N PHE A 272 3.48 -20.95 -19.55
CA PHE A 272 3.12 -21.35 -18.19
C PHE A 272 3.70 -22.72 -17.79
N ASP A 273 3.78 -23.64 -18.74
CA ASP A 273 3.92 -25.08 -18.43
C ASP A 273 5.12 -25.81 -19.03
N SER A 274 5.73 -25.25 -20.07
CA SER A 274 6.83 -25.96 -20.73
C SER A 274 8.06 -25.96 -19.82
N LYS A 275 8.97 -26.90 -20.05
CA LYS A 275 10.19 -26.97 -19.25
C LYS A 275 11.03 -25.68 -19.38
N LYS A 276 10.78 -24.87 -20.41
CA LYS A 276 11.43 -23.55 -20.56
C LYS A 276 10.69 -22.41 -19.86
N ALA A 277 9.64 -22.69 -19.10
CA ALA A 277 8.90 -21.64 -18.39
C ALA A 277 9.80 -21.02 -17.33
N TYR A 278 9.80 -19.69 -17.23
CA TYR A 278 10.69 -19.03 -16.26
C TYR A 278 10.10 -17.83 -15.52
N ARG A 279 9.00 -17.26 -16.04
CA ARG A 279 8.46 -16.01 -15.51
C ARG A 279 6.93 -15.83 -15.50
N ASP A 280 6.18 -16.72 -16.16
CA ASP A 280 4.72 -16.57 -16.28
C ASP A 280 3.97 -17.50 -15.34
N VAL A 281 3.01 -16.94 -14.63
CA VAL A 281 2.25 -17.71 -13.67
C VAL A 281 0.77 -17.57 -14.00
N ALA A 282 0.06 -18.70 -13.98
CA ALA A 282 -1.38 -18.73 -14.20
C ALA A 282 -2.11 -19.09 -12.92
N TRP A 283 -3.08 -18.26 -12.54
CA TRP A 283 -3.99 -18.63 -11.47
C TRP A 283 -5.38 -18.73 -12.12
N LEU A 284 -5.91 -19.94 -12.12
CA LEU A 284 -7.15 -20.24 -12.82
C LEU A 284 -8.33 -20.25 -11.85
N GLY A 285 -9.25 -19.34 -12.07
CA GLY A 285 -10.46 -19.20 -11.26
C GLY A 285 -11.07 -17.85 -11.55
N GLU A 286 -12.08 -17.48 -10.77
CA GLU A 286 -12.73 -16.18 -10.93
C GLU A 286 -11.81 -15.10 -10.41
N CYS A 287 -11.81 -13.95 -11.09
CA CYS A 287 -10.80 -12.92 -10.82
C CYS A 287 -10.89 -12.39 -9.40
N ASP A 288 -12.11 -12.22 -8.90
CA ASP A 288 -12.30 -11.73 -7.55
C ASP A 288 -11.51 -12.57 -6.54
N GLN A 289 -11.57 -13.89 -6.69
CA GLN A 289 -10.95 -14.80 -5.71
C GLN A 289 -9.45 -14.76 -5.83
N GLY A 290 -8.96 -14.64 -7.07
CA GLY A 290 -7.53 -14.46 -7.32
C GLY A 290 -7.00 -13.23 -6.60
N CYS A 291 -7.71 -12.13 -6.72
CA CYS A 291 -7.29 -10.89 -6.08
C CYS A 291 -7.32 -11.02 -4.55
N LEU A 292 -8.34 -11.65 -4.01
CA LEU A 292 -8.39 -11.98 -2.56
C LEU A 292 -7.26 -12.93 -2.14
N ALA A 293 -7.04 -14.00 -2.90
CA ALA A 293 -5.91 -14.89 -2.63
C ALA A 293 -4.56 -14.14 -2.69
N LEU A 294 -4.36 -13.33 -3.72
CA LEU A 294 -3.12 -12.55 -3.82
C LEU A 294 -3.01 -11.56 -2.67
N ALA A 295 -4.08 -10.80 -2.43
CA ALA A 295 -4.09 -9.81 -1.36
C ALA A 295 -3.79 -10.47 0.01
N GLU A 296 -4.34 -11.66 0.21
CA GLU A 296 -4.10 -12.43 1.44
C GLU A 296 -2.59 -12.61 1.62
N LEU A 297 -1.91 -13.00 0.55
CA LEU A 297 -0.48 -13.29 0.59
C LEU A 297 0.39 -12.07 0.86
N LEU A 298 -0.10 -10.90 0.46
CA LEU A 298 0.60 -9.65 0.67
C LEU A 298 0.28 -9.04 2.02
N GLY A 299 -0.59 -9.68 2.80
CA GLY A 299 -1.08 -9.12 4.05
C GLY A 299 -2.08 -7.99 3.90
N TRP A 300 -2.77 -7.90 2.76
CA TRP A 300 -3.72 -6.80 2.53
C TRP A 300 -5.19 -7.22 2.54
N LYS A 301 -5.49 -8.47 2.87
CA LYS A 301 -6.85 -8.98 2.74
C LYS A 301 -7.82 -8.13 3.53
N LYS A 302 -7.39 -7.72 4.72
CA LYS A 302 -8.23 -6.97 5.66
C LYS A 302 -8.46 -5.55 5.17
N GLU A 303 -7.40 -4.90 4.74
CA GLU A 303 -7.50 -3.56 4.16
C GLU A 303 -8.35 -3.59 2.90
N LEU A 304 -8.24 -4.65 2.10
CA LEU A 304 -8.99 -4.77 0.85
C LEU A 304 -10.50 -4.91 1.14
N GLU A 305 -10.87 -5.92 1.92
CA GLU A 305 -12.29 -6.11 2.25
C GLU A 305 -12.90 -4.84 2.91
N ASP A 306 -12.14 -4.18 3.78
CA ASP A 306 -12.56 -2.90 4.41
C ASP A 306 -12.78 -1.78 3.38
N LEU A 307 -11.87 -1.66 2.43
CA LEU A 307 -12.01 -0.70 1.34
C LEU A 307 -13.27 -0.96 0.51
N VAL A 308 -13.43 -2.21 0.09
CA VAL A 308 -14.57 -2.60 -0.73
C VAL A 308 -15.89 -2.27 0.03
N ARG A 309 -15.92 -2.61 1.31
CA ARG A 309 -17.11 -2.38 2.14
C ARG A 309 -17.46 -0.90 2.21
N ARG A 310 -16.46 -0.08 2.52
CA ARG A 310 -16.67 1.36 2.66
C ARG A 310 -17.05 2.02 1.32
N GLU A 311 -16.40 1.59 0.24
CA GLU A 311 -16.67 2.16 -1.07
C GLU A 311 -18.06 1.76 -1.54
N HIS A 312 -18.44 0.50 -1.34
CA HIS A 312 -19.80 0.08 -1.70
C HIS A 312 -20.85 0.83 -0.89
N ALA A 313 -20.65 0.94 0.42
CA ALA A 313 -21.61 1.63 1.29
C ALA A 313 -21.76 3.10 0.91
N SER A 314 -20.69 3.71 0.45
CA SER A 314 -20.75 5.09 -0.04
C SER A 314 -21.57 5.21 -1.34
N ILE A 315 -21.46 4.22 -2.24
CA ILE A 315 -22.25 4.22 -3.48
C ILE A 315 -23.73 3.91 -3.20
N ASP A 316 -23.99 3.02 -2.25
CA ASP A 316 -25.34 2.73 -1.77
C ASP A 316 -26.01 3.96 -1.20
N ALA A 317 -25.30 4.67 -0.33
CA ALA A 317 -25.84 5.84 0.35
C ALA A 317 -26.04 7.04 -0.60
N GLN A 318 -25.46 6.98 -1.80
CA GLN A 318 -25.77 7.94 -2.88
C GLN A 318 -27.28 7.96 -3.19
N GLN B 17 5.25 -9.53 45.92
CA GLN B 17 6.54 -10.28 45.90
C GLN B 17 7.48 -9.73 44.82
N LYS B 18 8.32 -8.78 45.21
CA LYS B 18 9.37 -8.23 44.36
C LYS B 18 10.58 -9.14 44.39
N GLU B 19 10.50 -10.31 43.76
CA GLU B 19 11.63 -11.25 43.82
C GLU B 19 12.86 -10.70 43.09
N ARG B 20 14.02 -11.19 43.50
CA ARG B 20 15.30 -10.75 42.99
C ARG B 20 15.71 -11.71 41.91
N LEU B 21 15.83 -11.23 40.67
CA LEU B 21 16.19 -12.12 39.56
C LEU B 21 17.59 -11.87 39.02
N LEU B 22 18.11 -10.64 39.11
CA LEU B 22 19.49 -10.37 38.67
C LEU B 22 20.47 -10.61 39.82
N ASP B 23 21.59 -11.28 39.52
CA ASP B 23 22.59 -11.54 40.56
C ASP B 23 23.35 -10.26 40.89
N GLU B 24 23.40 -9.34 39.93
CA GLU B 24 24.11 -8.08 40.09
C GLU B 24 23.41 -7.02 39.24
N LEU B 25 23.31 -5.80 39.74
CA LEU B 25 22.68 -4.70 38.99
C LEU B 25 23.65 -4.06 38.02
N THR B 26 24.06 -4.84 37.03
CA THR B 26 25.05 -4.43 36.06
C THR B 26 24.70 -5.05 34.71
N LEU B 27 25.33 -4.53 33.66
CA LEU B 27 25.16 -5.07 32.33
C LEU B 27 25.53 -6.54 32.29
N GLU B 28 26.62 -6.88 32.97
CA GLU B 28 27.09 -8.27 33.06
C GLU B 28 26.02 -9.11 33.76
N GLY B 29 25.41 -8.55 34.78
CA GLY B 29 24.32 -9.21 35.48
C GLY B 29 23.12 -9.49 34.57
N VAL B 30 22.83 -8.57 33.67
CA VAL B 30 21.68 -8.72 32.75
C VAL B 30 21.95 -9.82 31.74
N ALA B 31 23.19 -9.90 31.28
CA ALA B 31 23.59 -10.86 30.25
C ALA B 31 23.54 -12.31 30.76
N ARG B 32 23.96 -12.51 32.01
CA ARG B 32 23.93 -13.86 32.63
C ARG B 32 22.49 -14.33 32.84
N TYR B 33 21.67 -13.42 33.35
CA TYR B 33 20.23 -13.60 33.42
C TYR B 33 19.60 -13.94 32.06
N MET B 34 20.06 -13.29 31.01
CA MET B 34 19.53 -13.50 29.66
C MET B 34 19.88 -14.87 29.08
N GLN B 35 20.95 -15.47 29.54
CA GLN B 35 21.29 -16.80 29.04
C GLN B 35 20.95 -17.88 30.08
N SER B 36 20.29 -17.46 31.16
CA SER B 36 19.66 -18.39 32.09
C SER B 36 18.35 -18.91 31.50
N GLU B 37 17.87 -20.01 32.04
CA GLU B 37 16.66 -20.68 31.56
C GLU B 37 15.41 -19.83 31.83
N ARG B 38 15.51 -18.94 32.81
CA ARG B 38 14.37 -18.11 33.21
C ARG B 38 14.04 -17.00 32.22
N CYS B 39 15.01 -16.52 31.46
CA CYS B 39 14.77 -15.39 30.54
C CYS B 39 14.44 -15.87 29.13
N ARG B 40 13.15 -16.00 28.83
CA ARG B 40 12.70 -16.54 27.54
C ARG B 40 12.03 -15.50 26.63
N ARG B 41 11.43 -14.48 27.23
CA ARG B 41 10.59 -13.52 26.53
C ARG B 41 10.98 -12.08 26.88
N VAL B 42 11.43 -11.33 25.88
CA VAL B 42 11.92 -9.97 26.08
C VAL B 42 11.00 -8.96 25.39
N ILE B 43 10.71 -7.84 26.04
CA ILE B 43 10.10 -6.70 25.38
C ILE B 43 11.09 -5.53 25.29
N CYS B 44 11.21 -4.97 24.10
CA CYS B 44 12.02 -3.77 23.86
C CYS B 44 11.12 -2.54 23.76
N LEU B 45 11.49 -1.49 24.47
CA LEU B 45 10.90 -0.17 24.42
C LEU B 45 11.95 0.74 23.81
N VAL B 46 11.71 1.21 22.60
CA VAL B 46 12.72 2.01 21.89
C VAL B 46 12.24 3.41 21.50
N GLY B 47 13.21 4.33 21.53
CA GLY B 47 12.98 5.73 21.23
C GLY B 47 14.02 6.32 20.26
N ALA B 48 14.02 7.64 20.18
CA ALA B 48 14.82 8.40 19.20
C ALA B 48 16.31 8.11 19.25
N GLY B 49 16.82 7.76 20.43
CA GLY B 49 18.23 7.39 20.59
C GLY B 49 18.73 6.24 19.72
N ILE B 50 17.88 5.30 19.32
CA ILE B 50 18.37 4.19 18.51
C ILE B 50 18.46 4.50 17.00
N SER B 51 18.05 5.68 16.58
CA SER B 51 18.11 6.00 15.14
C SER B 51 18.83 7.32 14.78
N THR B 52 19.36 8.02 15.77
CA THR B 52 20.19 9.20 15.51
C THR B 52 21.38 8.89 14.62
N SER B 53 22.00 7.73 14.79
CA SER B 53 23.12 7.31 13.95
C SER B 53 22.69 6.81 12.55
N ALA B 54 21.37 6.72 12.31
CA ALA B 54 20.85 6.55 10.96
C ALA B 54 20.44 7.90 10.37
N GLY B 55 20.94 8.99 10.96
CA GLY B 55 20.70 10.34 10.43
C GLY B 55 19.30 10.88 10.67
N ILE B 56 18.68 10.45 11.75
CA ILE B 56 17.35 10.94 12.11
C ILE B 56 17.50 11.61 13.47
N PRO B 57 17.43 12.96 13.53
CA PRO B 57 17.67 13.61 14.81
C PRO B 57 16.57 13.37 15.81
N ASP B 58 16.92 13.47 17.09
CA ASP B 58 15.97 13.40 18.18
C ASP B 58 15.44 14.81 18.43
N PHE B 59 14.11 14.93 18.51
CA PHE B 59 13.46 16.22 18.75
C PHE B 59 13.43 16.55 20.25
N ARG B 60 14.62 16.83 20.80
CA ARG B 60 14.81 17.13 22.22
C ARG B 60 16.25 17.52 22.50
N GLY B 65 19.67 19.11 13.21
CA GLY B 65 18.22 18.87 13.22
C GLY B 65 17.46 19.89 14.06
N LEU B 66 17.80 21.17 13.88
CA LEU B 66 17.19 22.25 14.66
C LEU B 66 15.89 22.76 14.03
N TYR B 67 15.18 23.61 14.79
CA TYR B 67 14.01 24.34 14.30
C TYR B 67 14.43 25.74 13.80
N ASP B 68 15.69 25.90 13.40
CA ASP B 68 16.25 27.21 13.08
C ASP B 68 15.56 27.87 11.89
N ASN B 69 15.42 27.12 10.80
CA ASN B 69 14.80 27.63 9.58
C ASN B 69 13.28 27.75 9.62
N LEU B 70 12.68 27.49 10.78
CA LEU B 70 11.25 27.70 10.99
C LEU B 70 10.95 29.01 11.71
N GLU B 71 11.96 29.86 11.90
CA GLU B 71 11.76 31.15 12.56
C GLU B 71 10.70 31.98 11.84
N LYS B 72 10.68 31.88 10.52
CA LYS B 72 9.78 32.65 9.72
C LYS B 72 8.31 32.33 10.02
N TYR B 73 8.02 31.10 10.36
CA TYR B 73 6.66 30.68 10.65
C TYR B 73 6.17 31.18 12.02
N HIS B 74 7.07 31.70 12.85
CA HIS B 74 6.70 32.35 14.11
C HIS B 74 5.72 31.51 14.93
N LEU B 75 6.18 30.33 15.33
CA LEU B 75 5.35 29.39 16.09
C LEU B 75 5.11 29.92 17.49
N PRO B 76 3.94 29.60 18.09
CA PRO B 76 3.65 30.07 19.44
C PRO B 76 4.63 29.51 20.48
N TYR B 77 5.19 28.34 20.19
CA TYR B 77 6.21 27.70 21.02
C TYR B 77 6.72 26.50 20.23
N PRO B 78 7.99 26.11 20.44
CA PRO B 78 8.63 25.07 19.61
C PRO B 78 7.89 23.72 19.52
N GLU B 79 7.20 23.33 20.58
CA GLU B 79 6.38 22.10 20.58
C GLU B 79 5.23 22.15 19.55
N ALA B 80 4.66 23.33 19.31
CA ALA B 80 3.45 23.49 18.47
C ALA B 80 3.51 22.76 17.13
N ILE B 81 4.70 22.68 16.57
CA ILE B 81 4.94 22.01 15.30
C ILE B 81 4.53 20.52 15.27
N PHE B 82 4.45 19.88 16.44
CA PHE B 82 4.01 18.47 16.53
C PHE B 82 2.71 18.30 17.30
N GLU B 83 1.96 19.39 17.45
CA GLU B 83 0.65 19.34 18.09
C GLU B 83 -0.46 19.29 17.05
N ILE B 84 -1.39 18.35 17.19
CA ILE B 84 -2.40 18.09 16.16
C ILE B 84 -3.23 19.32 15.84
N SER B 85 -3.58 20.09 16.87
CA SER B 85 -4.44 21.27 16.69
C SER B 85 -3.75 22.36 15.88
N TYR B 86 -2.52 22.68 16.21
CA TYR B 86 -1.76 23.66 15.43
C TYR B 86 -1.54 23.17 14.00
N PHE B 87 -1.18 21.88 13.87
CA PHE B 87 -0.90 21.28 12.58
C PHE B 87 -2.08 21.35 11.61
N LYS B 88 -3.27 21.05 12.10
CA LYS B 88 -4.45 21.05 11.24
C LYS B 88 -4.75 22.46 10.71
N LYS B 89 -4.44 23.47 11.52
CA LYS B 89 -4.66 24.87 11.17
C LYS B 89 -3.50 25.44 10.35
N HIS B 90 -2.27 25.11 10.74
CA HIS B 90 -1.06 25.58 10.06
C HIS B 90 -0.09 24.42 9.79
N PRO B 91 -0.30 23.70 8.68
CA PRO B 91 0.49 22.51 8.39
C PRO B 91 1.87 22.78 7.81
N GLU B 92 2.06 23.99 7.27
CA GLU B 92 3.27 24.31 6.52
C GLU B 92 4.58 24.13 7.30
N PRO B 93 4.64 24.57 8.57
CA PRO B 93 5.89 24.39 9.34
C PRO B 93 6.33 22.92 9.45
N PHE B 94 5.39 22.04 9.79
CA PHE B 94 5.68 20.60 9.85
C PHE B 94 6.26 20.08 8.54
N PHE B 95 5.63 20.43 7.42
CA PHE B 95 6.11 19.96 6.13
C PHE B 95 7.43 20.60 5.65
N ALA B 96 7.70 21.83 6.07
CA ALA B 96 9.00 22.43 5.83
C ALA B 96 10.11 21.73 6.66
N LEU B 97 9.83 21.41 7.91
CA LEU B 97 10.76 20.59 8.70
C LEU B 97 10.98 19.23 8.04
N ALA B 98 9.89 18.60 7.60
CA ALA B 98 9.96 17.29 6.96
C ALA B 98 10.95 17.32 5.81
N LYS B 99 10.87 18.38 5.01
CA LYS B 99 11.72 18.55 3.83
C LYS B 99 13.20 18.62 4.18
N GLU B 100 13.52 19.36 5.23
CA GLU B 100 14.90 19.50 5.70
C GLU B 100 15.43 18.17 6.25
N LEU B 101 14.62 17.49 7.08
CA LEU B 101 15.08 16.33 7.84
C LEU B 101 14.83 14.97 7.18
N TYR B 102 14.18 14.96 6.01
CA TYR B 102 13.86 13.71 5.33
C TYR B 102 15.16 13.01 4.88
N PRO B 103 15.44 11.79 5.39
CA PRO B 103 16.65 11.03 5.06
C PRO B 103 16.88 10.75 3.56
N GLY B 104 18.15 10.67 3.15
CA GLY B 104 18.50 10.23 1.80
C GLY B 104 18.33 8.73 1.63
N GLN B 105 18.34 8.02 2.75
CA GLN B 105 18.21 6.58 2.78
C GLN B 105 17.77 6.14 4.18
N PHE B 106 17.16 4.96 4.25
CA PHE B 106 16.73 4.37 5.52
C PHE B 106 17.51 3.11 5.81
N LYS B 107 18.61 3.27 6.56
CA LYS B 107 19.42 2.15 7.02
C LYS B 107 19.24 2.01 8.52
N PRO B 108 18.73 0.85 8.95
CA PRO B 108 18.63 0.60 10.38
C PRO B 108 20.02 0.57 11.04
N THR B 109 20.08 0.93 12.31
CA THR B 109 21.29 0.94 13.10
C THR B 109 21.59 -0.44 13.70
N ILE B 110 22.69 -0.53 14.44
CA ILE B 110 23.05 -1.74 15.16
C ILE B 110 21.95 -2.17 16.17
N CYS B 111 21.34 -1.22 16.88
CA CYS B 111 20.24 -1.51 17.81
C CYS B 111 19.04 -2.18 17.18
N HIS B 112 18.71 -1.76 15.97
CA HIS B 112 17.62 -2.33 15.22
C HIS B 112 17.95 -3.77 14.91
N TYR B 113 19.19 -4.03 14.54
CA TYR B 113 19.63 -5.39 14.20
C TYR B 113 19.85 -6.27 15.42
N PHE B 114 20.14 -5.68 16.57
CA PHE B 114 20.15 -6.43 17.81
C PHE B 114 18.73 -7.01 18.03
N MET B 115 17.71 -6.16 17.89
CA MET B 115 16.33 -6.60 18.05
C MET B 115 15.97 -7.67 17.06
N ARG B 116 16.48 -7.56 15.84
CA ARG B 116 16.31 -8.60 14.85
C ARG B 116 16.98 -9.90 15.30
N LEU B 117 18.11 -9.77 15.98
CA LEU B 117 18.83 -10.93 16.48
C LEU B 117 17.97 -11.59 17.58
N LEU B 118 17.42 -10.78 18.47
CA LEU B 118 16.50 -11.27 19.49
C LEU B 118 15.33 -12.04 18.88
N LYS B 119 14.77 -11.51 17.79
CA LYS B 119 13.63 -12.15 17.11
C LYS B 119 14.00 -13.52 16.59
N ASP B 120 15.15 -13.60 15.92
CA ASP B 120 15.58 -14.83 15.24
C ASP B 120 15.97 -15.95 16.20
N LYS B 121 16.32 -15.59 17.43
CA LYS B 121 16.63 -16.57 18.47
C LYS B 121 15.42 -16.89 19.33
N GLY B 122 14.27 -16.30 19.00
CA GLY B 122 13.01 -16.62 19.67
C GLY B 122 12.84 -15.93 21.01
N LEU B 123 13.58 -14.85 21.25
CA LEU B 123 13.51 -14.15 22.52
C LEU B 123 12.60 -12.95 22.49
N LEU B 124 12.30 -12.44 21.32
CA LEU B 124 11.54 -11.20 21.21
C LEU B 124 10.04 -11.44 21.37
N LEU B 125 9.49 -11.00 22.48
CA LEU B 125 8.06 -10.91 22.62
C LEU B 125 7.39 -9.81 21.83
N ARG B 126 7.96 -8.63 21.87
CA ARG B 126 7.45 -7.45 21.19
C ARG B 126 8.46 -6.32 21.24
N CYS B 127 8.46 -5.51 20.20
CA CYS B 127 9.12 -4.22 20.24
C CYS B 127 8.12 -3.08 20.17
N TYR B 128 8.09 -2.27 21.20
CA TYR B 128 7.30 -1.05 21.26
C TYR B 128 8.21 0.10 20.88
N THR B 129 7.84 0.77 19.81
CA THR B 129 8.67 1.84 19.32
C THR B 129 7.90 3.15 19.36
N GLN B 130 8.58 4.19 19.83
CA GLN B 130 8.09 5.57 19.77
C GLN B 130 8.46 6.28 18.49
N ASN B 131 9.26 5.62 17.64
CA ASN B 131 9.77 6.23 16.41
C ASN B 131 8.85 5.99 15.23
N ILE B 132 8.95 6.89 14.27
CA ILE B 132 8.05 6.99 13.13
C ILE B 132 8.75 6.58 11.83
N ASP B 133 10.01 6.19 11.95
CA ASP B 133 10.93 6.11 10.81
C ASP B 133 10.88 4.79 10.03
N THR B 134 10.16 3.80 10.58
CA THR B 134 10.04 2.46 10.00
C THR B 134 11.30 1.60 9.96
N LEU B 135 12.35 2.00 10.68
CA LEU B 135 13.61 1.28 10.61
C LEU B 135 13.52 -0.15 11.17
N GLU B 136 12.66 -0.35 12.16
CA GLU B 136 12.40 -1.69 12.70
C GLU B 136 11.84 -2.66 11.64
N ARG B 137 10.94 -2.20 10.76
CA ARG B 137 10.45 -3.05 9.67
C ARG B 137 11.53 -3.36 8.67
N ILE B 138 12.32 -2.35 8.33
CA ILE B 138 13.40 -2.53 7.37
C ILE B 138 14.40 -3.52 7.97
N ALA B 139 14.66 -3.38 9.27
CA ALA B 139 15.61 -4.29 9.96
C ALA B 139 15.14 -5.73 9.92
N GLY B 140 13.86 -5.95 9.61
CA GLY B 140 13.26 -7.27 9.45
C GLY B 140 12.33 -7.71 10.56
N LEU B 141 11.98 -6.82 11.49
CA LEU B 141 10.88 -7.11 12.40
C LEU B 141 9.58 -7.13 11.61
N GLU B 142 8.79 -8.16 11.82
CA GLU B 142 7.55 -8.36 11.09
C GLU B 142 6.43 -7.63 11.81
N GLN B 143 5.29 -7.47 11.17
CA GLN B 143 4.20 -6.63 11.70
C GLN B 143 3.76 -7.08 13.10
N GLU B 144 3.71 -8.38 13.32
CA GLU B 144 3.25 -8.95 14.60
C GLU B 144 4.20 -8.64 15.74
N ASP B 145 5.49 -8.45 15.43
CA ASP B 145 6.53 -8.17 16.43
C ASP B 145 6.52 -6.76 16.98
N LEU B 146 5.83 -5.85 16.30
CA LEU B 146 5.94 -4.43 16.53
C LEU B 146 4.68 -3.80 17.02
N VAL B 147 4.83 -2.87 17.94
CA VAL B 147 3.75 -1.97 18.28
C VAL B 147 4.34 -0.61 18.00
N GLU B 148 3.93 -0.05 16.87
CA GLU B 148 4.35 1.26 16.44
C GLU B 148 3.46 2.26 17.16
N ALA B 149 3.87 2.63 18.38
CA ALA B 149 3.02 3.36 19.29
C ALA B 149 2.65 4.76 18.81
N HIS B 150 3.52 5.37 18.00
CA HIS B 150 3.27 6.71 17.52
C HIS B 150 3.08 6.72 16.02
N GLY B 151 2.67 5.58 15.47
CA GLY B 151 2.46 5.43 14.05
C GLY B 151 3.74 5.44 13.24
N THR B 152 3.62 5.90 12.00
CA THR B 152 4.67 5.73 11.02
C THR B 152 4.51 6.78 9.93
N PHE B 153 5.64 7.18 9.37
CA PHE B 153 5.67 8.08 8.23
C PHE B 153 5.39 7.37 6.91
N TYR B 154 5.39 6.04 6.92
CA TYR B 154 5.42 5.27 5.68
C TYR B 154 4.14 5.39 4.87
N THR B 155 3.00 5.40 5.54
CA THR B 155 1.72 5.60 4.88
C THR B 155 1.13 6.92 5.37
N SER B 156 0.25 7.50 4.57
CA SER B 156 -0.41 8.75 4.88
C SER B 156 -1.89 8.65 4.55
N HIS B 157 -2.69 9.43 5.29
CA HIS B 157 -4.15 9.44 5.03
C HIS B 157 -4.69 10.85 5.06
N CYS B 158 -5.66 11.07 4.20
CA CYS B 158 -6.52 12.24 4.27
C CYS B 158 -7.18 12.30 5.66
N VAL B 159 -7.30 13.48 6.24
CA VAL B 159 -7.81 13.66 7.61
C VAL B 159 -9.34 13.57 7.73
N SER B 160 -10.07 13.65 6.61
CA SER B 160 -11.53 13.59 6.64
C SER B 160 -12.04 12.18 6.99
N ALA B 161 -12.79 12.07 8.08
CA ALA B 161 -13.32 10.79 8.54
C ALA B 161 -14.11 10.04 7.46
N SER B 162 -14.78 10.79 6.59
CA SER B 162 -15.64 10.23 5.56
C SER B 162 -14.89 9.72 4.34
N CYS B 163 -13.63 10.14 4.17
CA CYS B 163 -12.83 9.80 2.99
C CYS B 163 -11.71 8.83 3.37
N ARG B 164 -10.81 9.25 4.26
CA ARG B 164 -9.67 8.41 4.69
C ARG B 164 -8.93 7.78 3.49
N HIS B 165 -8.79 8.53 2.41
CA HIS B 165 -7.99 8.08 1.27
C HIS B 165 -6.56 7.87 1.76
N GLU B 166 -5.94 6.77 1.32
CA GLU B 166 -4.58 6.41 1.70
C GLU B 166 -3.63 6.86 0.63
N TYR B 167 -2.46 7.37 1.02
CA TYR B 167 -1.42 7.70 0.06
C TYR B 167 -0.08 7.06 0.49
N PRO B 168 0.70 6.58 -0.50
CA PRO B 168 1.97 5.96 -0.22
C PRO B 168 3.07 7.01 0.01
N LEU B 169 4.21 6.57 0.52
CA LEU B 169 5.33 7.45 0.84
C LEU B 169 5.81 8.26 -0.37
N SER B 170 5.83 7.63 -1.54
CA SER B 170 6.33 8.31 -2.75
C SER B 170 5.50 9.54 -3.13
N TRP B 171 4.20 9.46 -2.94
CA TRP B 171 3.33 10.61 -3.17
C TRP B 171 3.61 11.72 -2.13
N MET B 172 3.70 11.34 -0.87
CA MET B 172 3.97 12.29 0.22
C MET B 172 5.36 12.96 0.11
N LYS B 173 6.36 12.16 -0.21
CA LYS B 173 7.71 12.66 -0.45
C LYS B 173 7.70 13.70 -1.57
N GLU B 174 7.07 13.38 -2.69
CA GLU B 174 6.94 14.33 -3.80
C GLU B 174 6.30 15.65 -3.35
N LYS B 175 5.33 15.59 -2.45
CA LYS B 175 4.70 16.80 -1.95
C LYS B 175 5.63 17.57 -1.03
N ILE B 176 6.28 16.86 -0.12
CA ILE B 176 7.19 17.51 0.83
C ILE B 176 8.32 18.22 0.08
N PHE B 177 8.84 17.60 -0.98
CA PHE B 177 10.00 18.16 -1.68
C PHE B 177 9.67 19.31 -2.63
N SER B 178 8.50 19.26 -3.26
CA SER B 178 8.04 20.35 -4.12
C SER B 178 7.39 21.50 -3.33
N GLU B 179 7.27 21.34 -2.01
CA GLU B 179 6.73 22.39 -1.14
C GLU B 179 5.27 22.73 -1.41
N VAL B 180 4.51 21.74 -1.82
CA VAL B 180 3.07 21.85 -1.86
C VAL B 180 2.48 21.12 -0.67
N THR B 181 1.60 21.75 0.09
CA THR B 181 0.99 21.09 1.23
C THR B 181 0.13 19.92 0.74
N PRO B 182 0.40 18.71 1.25
CA PRO B 182 -0.33 17.52 0.80
C PRO B 182 -1.85 17.70 0.90
N LYS B 183 -2.54 17.46 -0.20
CA LYS B 183 -3.97 17.69 -0.29
C LYS B 183 -4.62 16.46 -0.92
N CYS B 184 -5.70 15.98 -0.32
CA CYS B 184 -6.40 14.82 -0.83
C CYS B 184 -6.99 15.14 -2.22
N GLU B 185 -6.75 14.24 -3.18
CA GLU B 185 -7.21 14.45 -4.55
C GLU B 185 -8.71 14.26 -4.69
N ASP B 186 -9.32 13.52 -3.76
CA ASP B 186 -10.74 13.28 -3.78
C ASP B 186 -11.51 14.39 -3.07
N CYS B 187 -11.18 14.65 -1.81
CA CYS B 187 -11.99 15.51 -0.97
C CYS B 187 -11.30 16.82 -0.57
N GLN B 188 -10.09 17.03 -1.06
CA GLN B 188 -9.34 18.28 -0.89
C GLN B 188 -8.84 18.54 0.55
N SER B 189 -9.13 17.65 1.48
CA SER B 189 -8.68 17.81 2.86
C SER B 189 -7.16 17.60 2.96
N LEU B 190 -6.62 18.03 4.08
CA LEU B 190 -5.22 17.83 4.41
C LEU B 190 -4.89 16.34 4.46
N VAL B 191 -3.74 15.98 3.92
CA VAL B 191 -3.22 14.63 4.05
C VAL B 191 -2.05 14.65 5.05
N LYS B 192 -2.06 13.66 5.93
CA LYS B 192 -1.25 13.66 7.10
C LYS B 192 -0.53 12.30 7.12
N PRO B 193 0.79 12.30 7.34
CA PRO B 193 1.44 11.00 7.55
C PRO B 193 0.86 10.33 8.77
N ASP B 194 0.89 9.01 8.82
CA ASP B 194 0.20 8.25 9.83
C ASP B 194 0.96 8.22 11.15
N ILE B 195 1.40 9.37 11.56
CA ILE B 195 2.06 9.48 12.84
C ILE B 195 1.05 9.99 13.83
N VAL B 196 1.26 9.67 15.09
CA VAL B 196 0.43 10.20 16.15
C VAL B 196 1.06 11.51 16.58
N PHE B 197 0.35 12.59 16.33
CA PHE B 197 0.75 13.89 16.86
C PHE B 197 0.38 14.01 18.32
N PHE B 198 1.12 14.84 19.04
CA PHE B 198 0.73 15.25 20.38
C PHE B 198 -0.71 15.77 20.33
N GLY B 199 -1.54 15.35 21.28
CA GLY B 199 -2.97 15.66 21.26
C GLY B 199 -3.85 14.62 20.58
N GLU B 200 -3.27 13.62 19.91
CA GLU B 200 -4.05 12.52 19.33
C GLU B 200 -3.93 11.24 20.17
N SER B 201 -4.86 10.32 19.92
CA SER B 201 -4.92 9.02 20.58
C SER B 201 -3.94 8.06 19.94
N LEU B 202 -3.37 7.17 20.74
CA LEU B 202 -2.48 6.15 20.19
C LEU B 202 -3.37 5.10 19.54
N PRO B 203 -2.81 4.31 18.62
CA PRO B 203 -3.56 3.22 17.96
C PRO B 203 -4.12 2.20 18.93
N ALA B 204 -5.19 1.51 18.52
CA ALA B 204 -5.81 0.49 19.36
C ALA B 204 -4.83 -0.62 19.70
N ARG B 205 -3.99 -0.98 18.74
CA ARG B 205 -2.99 -2.02 18.91
C ARG B 205 -2.08 -1.78 20.14
N PHE B 206 -1.75 -0.53 20.40
CA PHE B 206 -0.94 -0.20 21.57
C PHE B 206 -1.57 -0.69 22.86
N PHE B 207 -2.83 -0.34 23.09
CA PHE B 207 -3.54 -0.68 24.32
C PHE B 207 -3.86 -2.16 24.34
N SER B 208 -4.25 -2.68 23.19
CA SER B 208 -4.52 -4.10 23.04
C SER B 208 -3.32 -4.97 23.44
N CYS B 209 -2.19 -4.78 22.77
CA CYS B 209 -0.95 -5.54 23.07
C CYS B 209 -0.44 -5.36 24.49
N MET B 210 -0.49 -4.14 25.02
CA MET B 210 0.06 -3.86 26.34
C MET B 210 -0.70 -4.62 27.44
N GLN B 211 -2.00 -4.84 27.26
N GLN B 211 -2.00 -4.81 27.23
CA GLN B 211 -2.80 -5.55 28.25
CA GLN B 211 -2.85 -5.58 28.15
C GLN B 211 -2.59 -7.07 28.20
C GLN B 211 -2.37 -7.01 28.28
N SER B 212 -1.87 -7.55 27.17
CA SER B 212 -1.46 -8.96 27.09
C SER B 212 0.06 -9.20 27.31
N ASP B 213 0.89 -8.32 26.73
CA ASP B 213 2.33 -8.54 26.67
C ASP B 213 3.01 -8.46 28.04
N PHE B 214 2.61 -7.51 28.85
CA PHE B 214 3.30 -7.20 30.09
C PHE B 214 2.94 -8.02 31.30
N LEU B 215 2.18 -9.10 31.14
CA LEU B 215 1.85 -9.93 32.31
C LEU B 215 2.80 -11.13 32.48
N LYS B 216 3.56 -11.41 31.41
N LYS B 216 3.40 -11.60 31.40
CA LYS B 216 4.34 -12.64 31.26
CA LYS B 216 4.45 -12.61 31.51
C LYS B 216 5.85 -12.44 31.00
C LYS B 216 5.60 -12.20 30.63
N VAL B 217 6.34 -11.20 31.09
CA VAL B 217 7.58 -10.81 30.43
C VAL B 217 8.78 -10.97 31.36
N ASP B 218 9.86 -11.52 30.82
CA ASP B 218 11.08 -11.83 31.59
C ASP B 218 12.12 -10.71 31.65
N LEU B 219 12.14 -9.85 30.62
CA LEU B 219 13.09 -8.74 30.57
C LEU B 219 12.54 -7.59 29.71
N LEU B 220 12.62 -6.37 30.25
CA LEU B 220 12.42 -5.12 29.51
C LEU B 220 13.76 -4.47 29.12
N LEU B 221 14.03 -4.39 27.83
CA LEU B 221 15.13 -3.59 27.30
C LEU B 221 14.63 -2.24 26.79
N VAL B 222 15.02 -1.20 27.48
CA VAL B 222 14.64 0.15 27.14
C VAL B 222 15.84 0.85 26.48
N MET B 223 15.70 1.19 25.20
CA MET B 223 16.81 1.73 24.43
C MET B 223 16.43 3.05 23.77
N GLY B 224 17.24 4.08 24.04
CA GLY B 224 17.12 5.35 23.33
C GLY B 224 15.93 6.21 23.69
N THR B 225 15.35 6.01 24.87
CA THR B 225 14.26 6.82 25.40
C THR B 225 14.57 7.50 26.70
N SER B 226 14.22 8.78 26.85
CA SER B 226 14.19 9.44 28.16
C SER B 226 12.77 9.37 28.78
N LEU B 227 11.94 8.48 28.24
CA LEU B 227 10.61 8.17 28.77
C LEU B 227 9.85 9.39 29.23
N GLN B 228 9.77 10.37 28.34
CA GLN B 228 9.17 11.67 28.66
C GLN B 228 7.82 11.86 27.96
N VAL B 229 7.41 10.89 27.17
CA VAL B 229 6.18 10.99 26.40
C VAL B 229 5.21 9.97 26.92
N GLN B 230 4.00 10.43 27.25
CA GLN B 230 2.92 9.59 27.75
C GLN B 230 1.87 9.35 26.65
N PRO B 231 1.21 8.19 26.65
CA PRO B 231 1.27 7.10 27.62
C PRO B 231 2.39 6.08 27.40
N PHE B 232 3.22 6.25 26.37
CA PHE B 232 4.29 5.29 26.11
C PHE B 232 5.15 5.05 27.36
N ALA B 233 5.54 6.13 28.04
CA ALA B 233 6.44 6.04 29.20
C ALA B 233 5.89 5.13 30.32
N SER B 234 4.57 5.08 30.45
CA SER B 234 3.95 4.27 31.50
C SER B 234 3.99 2.75 31.22
N LEU B 235 4.47 2.32 30.05
CA LEU B 235 4.64 0.87 29.81
C LEU B 235 5.62 0.24 30.81
N ILE B 236 6.60 1.01 31.22
CA ILE B 236 7.53 0.65 32.29
C ILE B 236 6.81 0.07 33.52
N SER B 237 5.74 0.73 33.95
CA SER B 237 4.96 0.31 35.12
C SER B 237 4.12 -0.96 34.93
N LYS B 238 3.92 -1.40 33.69
CA LYS B 238 3.01 -2.52 33.42
C LYS B 238 3.63 -3.88 33.65
N ALA B 239 4.95 -3.97 33.66
CA ALA B 239 5.60 -5.26 33.86
C ALA B 239 5.46 -5.72 35.32
N PRO B 240 5.48 -7.04 35.54
CA PRO B 240 5.48 -7.57 36.89
C PRO B 240 6.67 -7.04 37.67
N LEU B 241 6.53 -6.91 38.98
CA LEU B 241 7.55 -6.27 39.82
C LEU B 241 8.90 -6.99 39.82
N SER B 242 8.91 -8.27 39.46
CA SER B 242 10.14 -9.02 39.39
C SER B 242 10.92 -8.83 38.10
N THR B 243 10.28 -8.34 37.03
CA THR B 243 10.90 -8.29 35.70
C THR B 243 12.04 -7.28 35.68
N PRO B 244 13.26 -7.73 35.35
CA PRO B 244 14.36 -6.78 35.25
C PRO B 244 14.18 -5.80 34.07
N ARG B 245 14.72 -4.60 34.25
CA ARG B 245 14.63 -3.54 33.26
C ARG B 245 16.02 -2.95 33.00
N LEU B 246 16.51 -3.14 31.78
CA LEU B 246 17.76 -2.53 31.33
C LEU B 246 17.52 -1.30 30.45
N LEU B 247 18.00 -0.15 30.94
CA LEU B 247 17.99 1.10 30.20
C LEU B 247 19.34 1.32 29.54
N ILE B 248 19.35 1.35 28.21
CA ILE B 248 20.49 1.77 27.41
C ILE B 248 20.13 3.13 26.80
N ASN B 249 20.79 4.17 27.28
CA ASN B 249 20.50 5.54 26.89
C ASN B 249 21.66 6.48 27.19
N LYS B 250 21.72 7.62 26.50
CA LYS B 250 22.78 8.62 26.76
C LYS B 250 22.63 9.28 28.13
N GLU B 251 21.42 9.28 28.65
CA GLU B 251 21.07 9.94 29.90
C GLU B 251 20.06 9.03 30.59
N LYS B 252 20.10 8.93 31.92
CA LYS B 252 19.12 8.08 32.60
C LYS B 252 17.83 8.85 32.80
N ALA B 253 16.70 8.12 32.82
CA ALA B 253 15.39 8.73 32.99
C ALA B 253 14.34 7.69 33.37
N GLY B 254 13.10 8.15 33.53
CA GLY B 254 12.00 7.31 34.03
C GLY B 254 12.03 7.20 35.54
N GLN B 255 12.82 8.07 36.18
CA GLN B 255 13.16 7.97 37.60
C GLN B 255 12.37 8.97 38.42
N GLY B 269 8.26 3.83 38.76
CA GLY B 269 9.28 4.22 37.79
C GLY B 269 10.58 3.42 37.94
N MET B 270 11.61 3.84 37.22
CA MET B 270 12.91 3.17 37.23
C MET B 270 13.71 3.59 38.47
N ASP B 271 14.24 2.61 39.19
CA ASP B 271 15.07 2.88 40.36
C ASP B 271 16.45 2.25 40.21
N PHE B 272 17.42 3.06 39.80
CA PHE B 272 18.75 2.59 39.42
C PHE B 272 19.74 2.51 40.58
N ASP B 273 19.73 3.49 41.46
CA ASP B 273 20.68 3.49 42.57
C ASP B 273 20.16 4.21 43.81
N SER B 274 18.87 4.04 44.13
CA SER B 274 18.42 4.36 45.49
C SER B 274 18.82 3.17 46.36
N LYS B 275 18.64 3.34 47.67
CA LYS B 275 18.86 2.24 48.61
C LYS B 275 18.02 1.02 48.20
N LYS B 276 16.87 1.30 47.60
CA LYS B 276 15.89 0.30 47.24
C LYS B 276 15.99 -0.31 45.85
N ALA B 277 17.06 -0.04 45.13
CA ALA B 277 17.22 -0.60 43.78
C ALA B 277 17.36 -2.10 43.85
N TYR B 278 16.69 -2.82 42.95
CA TYR B 278 16.77 -4.28 42.96
C TYR B 278 16.71 -4.97 41.60
N ARG B 279 16.31 -4.25 40.56
CA ARG B 279 16.11 -4.87 39.23
C ARG B 279 16.40 -3.95 38.03
N ASP B 280 16.68 -2.69 38.25
CA ASP B 280 16.89 -1.76 37.15
C ASP B 280 18.36 -1.53 36.95
N VAL B 281 18.81 -1.61 35.70
CA VAL B 281 20.20 -1.40 35.35
C VAL B 281 20.25 -0.29 34.31
N ALA B 282 21.13 0.69 34.51
CA ALA B 282 21.35 1.79 33.56
C ALA B 282 22.75 1.74 32.96
N TRP B 283 22.81 1.59 31.65
CA TRP B 283 24.05 1.71 30.89
C TRP B 283 23.95 3.05 30.18
N LEU B 284 24.87 3.97 30.50
CA LEU B 284 24.87 5.31 29.93
C LEU B 284 25.87 5.43 28.81
N GLY B 285 25.37 5.77 27.63
CA GLY B 285 26.19 5.87 26.41
C GLY B 285 25.30 5.82 25.19
N GLU B 286 25.90 5.75 24.00
CA GLU B 286 25.15 5.70 22.75
C GLU B 286 24.62 4.28 22.57
N CYS B 287 23.36 4.17 22.15
CA CYS B 287 22.69 2.87 22.04
C CYS B 287 23.45 1.85 21.19
N ASP B 288 24.01 2.27 20.07
CA ASP B 288 24.80 1.36 19.25
C ASP B 288 25.90 0.65 20.07
N GLN B 289 26.60 1.41 20.90
CA GLN B 289 27.64 0.87 21.79
C GLN B 289 27.06 -0.06 22.86
N GLY B 290 25.90 0.29 23.41
CA GLY B 290 25.24 -0.56 24.40
C GLY B 290 24.89 -1.95 23.86
N CYS B 291 24.27 -1.98 22.67
CA CYS B 291 23.92 -3.26 22.06
C CYS B 291 25.16 -4.07 21.71
N LEU B 292 26.18 -3.40 21.22
CA LEU B 292 27.45 -4.05 20.96
C LEU B 292 28.05 -4.58 22.24
N ALA B 293 27.99 -3.81 23.31
CA ALA B 293 28.52 -4.25 24.60
C ALA B 293 27.72 -5.44 25.18
N LEU B 294 26.39 -5.42 25.02
CA LEU B 294 25.57 -6.55 25.48
C LEU B 294 25.71 -7.74 24.53
N ALA B 295 25.82 -7.47 23.22
CA ALA B 295 26.00 -8.57 22.28
C ALA B 295 27.29 -9.34 22.59
N GLU B 296 28.37 -8.61 22.90
CA GLU B 296 29.64 -9.26 23.26
C GLU B 296 29.44 -10.19 24.44
N LEU B 297 28.87 -9.68 25.52
CA LEU B 297 28.62 -10.49 26.72
C LEU B 297 27.79 -11.75 26.46
N LEU B 298 26.90 -11.69 25.49
CA LEU B 298 26.09 -12.82 25.13
C LEU B 298 26.74 -13.73 24.10
N GLY B 299 27.91 -13.37 23.62
CA GLY B 299 28.60 -14.12 22.58
C GLY B 299 28.04 -13.91 21.19
N TRP B 300 27.33 -12.79 20.98
CA TRP B 300 26.62 -12.57 19.71
C TRP B 300 27.30 -11.50 18.85
N LYS B 301 28.47 -11.01 19.24
CA LYS B 301 29.06 -9.86 18.56
C LYS B 301 29.41 -10.16 17.10
N LYS B 302 29.99 -11.31 16.86
CA LYS B 302 30.31 -11.74 15.49
C LYS B 302 29.03 -11.77 14.65
N GLU B 303 28.02 -12.45 15.17
CA GLU B 303 26.75 -12.58 14.48
C GLU B 303 26.07 -11.22 14.26
N LEU B 304 26.11 -10.34 15.26
CA LEU B 304 25.50 -9.01 15.12
C LEU B 304 26.19 -8.21 14.01
N GLU B 305 27.51 -8.09 14.11
CA GLU B 305 28.32 -7.33 13.12
C GLU B 305 28.16 -7.87 11.69
N ASP B 306 28.17 -9.19 11.54
CA ASP B 306 27.92 -9.80 10.23
C ASP B 306 26.52 -9.45 9.74
N LEU B 307 25.54 -9.52 10.63
CA LEU B 307 24.16 -9.25 10.26
C LEU B 307 24.01 -7.80 9.75
N VAL B 308 24.54 -6.84 10.51
CA VAL B 308 24.43 -5.44 10.14
C VAL B 308 25.08 -5.19 8.77
N ARG B 309 26.22 -5.82 8.51
CA ARG B 309 26.93 -5.64 7.22
C ARG B 309 26.26 -6.28 6.01
N ARG B 310 25.77 -7.52 6.14
CA ARG B 310 24.98 -8.15 5.09
C ARG B 310 23.76 -7.28 4.76
N GLU B 311 23.04 -6.89 5.80
CA GLU B 311 21.78 -6.18 5.60
C GLU B 311 22.02 -4.77 5.04
N HIS B 312 23.02 -4.04 5.55
CA HIS B 312 23.38 -2.74 4.97
C HIS B 312 23.84 -2.85 3.49
N ALA B 313 24.59 -3.89 3.16
CA ALA B 313 25.01 -4.12 1.78
C ALA B 313 23.82 -4.38 0.87
N SER B 314 22.90 -5.22 1.33
CA SER B 314 21.68 -5.52 0.57
C SER B 314 20.85 -4.24 0.33
N ILE B 315 20.81 -3.36 1.32
CA ILE B 315 20.11 -2.09 1.18
C ILE B 315 20.74 -1.13 0.15
N ASP B 316 22.05 -0.90 0.20
CA ASP B 316 22.65 0.03 -0.80
C ASP B 316 22.85 -0.58 -2.21
N ALA B 317 22.66 -1.90 -2.34
CA ALA B 317 22.64 -2.55 -3.66
C ALA B 317 21.23 -2.65 -4.26
N GLN B 318 20.25 -1.93 -3.68
CA GLN B 318 18.94 -1.71 -4.31
C GLN B 318 19.06 -0.75 -5.48
N PRO C 1 -3.27 -1.81 -34.93
CA PRO C 1 -3.65 -0.39 -34.99
C PRO C 1 -5.16 -0.18 -34.90
N LYS C 2 -5.91 -0.92 -35.72
CA LYS C 2 -7.37 -0.93 -35.65
C LYS C 2 -7.86 -2.05 -34.74
N LYS C 3 -8.89 -1.78 -33.94
CA LYS C 3 -9.44 -2.80 -33.03
C LYS C 3 -9.99 -3.99 -33.79
N THR C 4 -9.40 -5.16 -33.58
CA THR C 4 -9.75 -6.36 -34.35
C THR C 4 -9.86 -7.59 -33.47
N GLY C 5 -10.45 -8.64 -34.04
CA GLY C 5 -10.54 -9.95 -33.38
C GLY C 5 -11.62 -9.99 -32.33
N PRO D 1 -6.40 8.69 27.18
CA PRO D 1 -4.96 8.49 27.19
C PRO D 1 -4.31 8.95 25.88
N LYS D 2 -4.29 10.27 25.68
CA LYS D 2 -3.77 10.88 24.46
C LYS D 2 -2.28 11.25 24.59
N LYS D 3 -1.61 11.35 23.44
CA LYS D 3 -0.18 11.62 23.41
C LYS D 3 0.17 12.98 23.98
N THR D 4 0.90 12.97 25.09
CA THR D 4 1.26 14.21 25.80
C THR D 4 2.73 14.19 26.18
N GLY D 5 3.32 15.38 26.34
CA GLY D 5 4.72 15.49 26.74
C GLY D 5 5.36 16.78 26.27
#